data_1BLX
#
_entry.id   1BLX
#
_cell.length_a   74.210
_cell.length_b   76.410
_cell.length_c   93.800
_cell.angle_alpha   90.00
_cell.angle_beta   90.00
_cell.angle_gamma   90.00
#
_symmetry.space_group_name_H-M   'P 21 21 21'
#
loop_
_entity.id
_entity.type
_entity.pdbx_description
1 polymer 'CYCLIN-DEPENDENT KINASE 6'
2 polymer P19INK4D
3 non-polymer 'CALCIUM ION'
4 water water
#
loop_
_entity_poly.entity_id
_entity_poly.type
_entity_poly.pdbx_seq_one_letter_code
_entity_poly.pdbx_strand_id
1 'polypeptide(L)'
;MEKDGLCRADQQYECVAEIGEGAYGKVFKARDLKNGGRFVALKRVRVQTGEEGMPLSTIREVAVLRHLETFEHPNVVRLF
DVCTVSRTDRETKLTLVFEHVDQDLTTYLDKVPEPGVPTETIKDMMFQLLRGLDFLHSHRVVHRDLKPQNILVTSSGQIK
LADFGLARIYSFQMALTSVVVTLWYRAPEVLLQSSYATPVDLWSVGCIFAEMFRRKPLFRGSSDVDQLGKILDVIGLPGE
EDWPRDVALPRQAFHSKSAQPIEKFVTDIDELGKDLLLKCLTFNPAKRISAYSALSHPYFQDLERCKENLDSHLPPSQNT
SELNTA
;
A
2 'polypeptide(L)'
;MLLEEVCVGDRLSGAAARGDVQEVRRLLHRELVHPDALNRFGKTALQVMMFGSPAVALELLKQGASPNVQDASGTSPVHD
AARTGFLDTLKVLVEHGADVNALDSTGSLPIHLAIREGHSSVVSFLAPESDLHHRDASGLTPLELARQRGAQNLMDILQG
HMMIPM
;
B
#
# COMPACT_ATOMS: atom_id res chain seq x y z
N GLY A 5 17.52 9.26 -23.69
CA GLY A 5 17.88 7.87 -23.24
C GLY A 5 17.44 6.83 -24.27
N LEU A 6 16.17 6.44 -24.26
CA LEU A 6 15.70 5.37 -25.14
C LEU A 6 14.18 5.30 -25.11
N CYS A 7 13.55 5.86 -24.09
CA CYS A 7 12.10 5.96 -24.07
C CYS A 7 11.63 7.33 -23.57
N ARG A 8 10.49 7.75 -24.08
CA ARG A 8 9.82 8.98 -23.64
C ARG A 8 8.70 8.62 -22.66
N ALA A 9 9.03 8.36 -21.39
CA ALA A 9 7.98 8.03 -20.42
C ALA A 9 7.03 9.19 -20.14
N ASP A 10 7.45 10.42 -20.43
CA ASP A 10 6.67 11.59 -20.04
C ASP A 10 5.42 11.76 -20.87
N GLN A 11 5.38 11.12 -22.05
CA GLN A 11 4.25 11.13 -22.93
C GLN A 11 3.18 10.11 -22.53
N GLN A 12 3.49 9.11 -21.74
CA GLN A 12 2.51 8.11 -21.33
C GLN A 12 2.02 8.29 -19.90
N TYR A 13 2.84 8.85 -19.01
CA TYR A 13 2.49 8.97 -17.59
C TYR A 13 2.43 10.46 -17.22
N GLU A 14 1.39 10.89 -16.56
CA GLU A 14 1.30 12.29 -16.12
C GLU A 14 1.54 12.32 -14.61
N CYS A 15 2.65 12.89 -14.14
CA CYS A 15 2.71 13.01 -12.65
C CYS A 15 1.60 13.85 -12.10
N VAL A 16 1.10 13.47 -10.91
CA VAL A 16 0.03 14.19 -10.23
C VAL A 16 0.46 14.61 -8.82
N ALA A 17 1.34 13.86 -8.18
CA ALA A 17 1.67 14.23 -6.78
C ALA A 17 2.99 13.57 -6.46
N GLU A 18 3.81 14.23 -5.64
CA GLU A 18 5.01 13.57 -5.12
C GLU A 18 4.70 12.78 -3.89
N ILE A 19 4.99 11.49 -3.74
CA ILE A 19 4.51 10.72 -2.60
C ILE A 19 5.67 10.17 -1.78
N GLY A 20 6.91 10.45 -2.22
CA GLY A 20 8.01 9.76 -1.55
C GLY A 20 9.36 10.09 -2.16
N GLU A 21 10.36 9.53 -1.45
CA GLU A 21 11.74 9.76 -1.95
C GLU A 21 12.63 8.72 -1.28
N GLY A 22 13.46 8.07 -2.09
CA GLY A 22 14.45 7.16 -1.47
C GLY A 22 15.83 7.58 -1.91
N ALA A 23 16.79 6.68 -1.68
CA ALA A 23 18.19 6.90 -2.01
C ALA A 23 18.35 6.96 -3.50
N TYR A 24 17.43 6.39 -4.33
CA TYR A 24 17.65 6.48 -5.75
C TYR A 24 16.91 7.57 -6.50
N GLY A 25 15.96 8.21 -5.84
CA GLY A 25 15.26 9.28 -6.58
C GLY A 25 13.86 9.38 -5.96
N LYS A 26 13.10 10.35 -6.51
CA LYS A 26 11.74 10.53 -5.97
C LYS A 26 10.73 9.53 -6.51
N VAL A 27 9.58 9.51 -5.81
CA VAL A 27 8.49 8.60 -6.21
C VAL A 27 7.25 9.47 -6.41
N PHE A 28 6.61 9.29 -7.55
CA PHE A 28 5.43 10.07 -7.87
C PHE A 28 4.19 9.19 -7.98
N LYS A 29 3.06 9.68 -7.53
CA LYS A 29 1.77 9.15 -8.06
C LYS A 29 1.50 9.78 -9.42
N ALA A 30 1.14 8.95 -10.44
CA ALA A 30 0.99 9.41 -11.78
C ALA A 30 -0.23 8.70 -12.42
N ARG A 31 -0.71 9.30 -13.49
CA ARG A 31 -1.79 8.70 -14.28
C ARG A 31 -1.26 8.03 -15.56
N ASP A 32 -1.82 6.81 -15.79
CA ASP A 32 -1.34 6.05 -16.97
C ASP A 32 -2.33 6.41 -18.08
N LEU A 33 -1.92 7.27 -18.99
CA LEU A 33 -2.82 7.79 -20.01
C LEU A 33 -3.07 6.78 -21.14
N LYS A 34 -2.30 5.74 -21.27
CA LYS A 34 -2.65 4.69 -22.24
C LYS A 34 -3.67 3.72 -21.65
N ASN A 35 -3.79 3.60 -20.33
CA ASN A 35 -4.61 2.52 -19.76
C ASN A 35 -5.76 3.07 -18.94
N GLY A 36 -6.53 4.00 -19.48
CA GLY A 36 -7.74 4.44 -18.81
C GLY A 36 -7.55 5.67 -17.90
N GLY A 37 -6.31 5.99 -17.50
CA GLY A 37 -6.16 7.05 -16.49
C GLY A 37 -6.07 6.42 -15.09
N ARG A 38 -5.69 5.13 -15.03
CA ARG A 38 -5.53 4.50 -13.73
C ARG A 38 -4.28 5.13 -13.08
N PHE A 39 -4.17 5.10 -11.78
CA PHE A 39 -2.97 5.59 -11.09
C PHE A 39 -1.89 4.54 -11.08
N VAL A 40 -0.63 4.96 -11.28
CA VAL A 40 0.53 4.16 -11.08
C VAL A 40 1.55 4.90 -10.22
N ALA A 41 2.53 4.15 -9.78
CA ALA A 41 3.60 4.78 -8.99
C ALA A 41 4.83 4.82 -9.88
N LEU A 42 5.44 6.00 -10.01
CA LEU A 42 6.61 6.15 -10.88
C LEU A 42 7.80 6.27 -9.97
N LYS A 43 8.72 5.34 -9.97
CA LYS A 43 9.92 5.48 -9.14
C LYS A 43 11.12 5.82 -10.00
N ARG A 44 11.71 6.99 -9.76
CA ARG A 44 12.91 7.34 -10.53
C ARG A 44 14.11 6.63 -9.91
N VAL A 45 14.87 5.91 -10.71
CA VAL A 45 16.06 5.27 -10.13
C VAL A 45 17.27 5.64 -10.97
N ARG A 46 18.18 6.40 -10.38
CA ARG A 46 19.42 6.72 -11.08
C ARG A 46 20.40 5.58 -10.84
N VAL A 47 20.90 5.04 -11.95
CA VAL A 47 21.78 3.87 -11.94
C VAL A 47 23.22 4.32 -12.23
N GLN A 48 24.08 4.22 -11.25
CA GLN A 48 25.48 4.59 -11.39
C GLN A 48 26.18 3.81 -12.49
N THR A 49 27.01 4.48 -13.29
CA THR A 49 27.81 3.73 -14.26
C THR A 49 29.28 3.72 -13.84
N GLY A 50 30.03 2.66 -14.11
CA GLY A 50 31.38 2.59 -13.55
C GLY A 50 32.45 2.87 -14.61
N GLU A 51 33.73 2.70 -14.27
CA GLU A 51 34.82 2.89 -15.19
C GLU A 51 34.60 2.18 -16.54
N GLU A 52 34.23 0.91 -16.49
CA GLU A 52 34.02 0.08 -17.64
C GLU A 52 32.80 0.39 -18.48
N GLY A 53 32.04 1.43 -18.22
CA GLY A 53 30.94 1.86 -19.02
C GLY A 53 29.68 1.02 -18.82
N MET A 54 29.66 0.18 -17.80
CA MET A 54 28.50 -0.65 -17.54
C MET A 54 27.76 -0.21 -16.28
N PRO A 55 26.44 -0.33 -16.30
CA PRO A 55 25.60 -0.03 -15.15
C PRO A 55 26.02 -0.92 -13.98
N LEU A 56 26.06 -0.32 -12.80
CA LEU A 56 26.47 -1.09 -11.62
C LEU A 56 25.30 -1.90 -11.09
N SER A 57 25.40 -2.46 -9.88
CA SER A 57 24.53 -3.59 -9.54
C SER A 57 23.06 -3.23 -9.42
N THR A 58 22.68 -1.96 -9.27
CA THR A 58 21.30 -1.50 -9.26
C THR A 58 20.57 -2.04 -10.50
N ILE A 59 21.22 -2.10 -11.65
CA ILE A 59 20.58 -2.59 -12.86
C ILE A 59 20.25 -4.08 -12.68
N ARG A 60 21.05 -4.78 -11.89
CA ARG A 60 20.85 -6.21 -11.67
C ARG A 60 19.71 -6.44 -10.70
N GLU A 61 19.55 -5.50 -9.77
CA GLU A 61 18.37 -5.58 -8.92
C GLU A 61 17.11 -5.33 -9.71
N VAL A 62 17.17 -4.42 -10.69
CA VAL A 62 15.97 -4.11 -11.48
C VAL A 62 15.68 -5.38 -12.32
N ALA A 63 16.72 -6.06 -12.75
CA ALA A 63 16.57 -7.32 -13.50
C ALA A 63 15.84 -8.39 -12.70
N VAL A 64 16.17 -8.47 -11.43
CA VAL A 64 15.49 -9.33 -10.48
C VAL A 64 14.04 -8.95 -10.34
N LEU A 65 13.69 -7.67 -10.20
CA LEU A 65 12.29 -7.27 -10.22
C LEU A 65 11.63 -7.66 -11.53
N ARG A 66 12.29 -7.47 -12.65
CA ARG A 66 11.57 -7.90 -13.90
C ARG A 66 11.41 -9.42 -13.92
N HIS A 67 12.43 -10.15 -13.56
CA HIS A 67 12.25 -11.63 -13.38
C HIS A 67 11.07 -12.01 -12.53
N LEU A 68 10.95 -11.45 -11.32
CA LEU A 68 9.85 -11.72 -10.42
C LEU A 68 8.53 -11.43 -11.07
N GLU A 69 8.46 -10.31 -11.81
CA GLU A 69 7.23 -9.91 -12.46
C GLU A 69 6.78 -10.93 -13.55
N THR A 70 7.69 -11.74 -14.12
CA THR A 70 7.13 -12.76 -15.07
C THR A 70 6.33 -13.88 -14.43
N PHE A 71 6.35 -14.03 -13.11
CA PHE A 71 5.44 -14.91 -12.40
C PHE A 71 4.08 -14.35 -12.08
N GLU A 72 3.97 -12.98 -12.07
CA GLU A 72 2.77 -12.28 -11.74
C GLU A 72 2.11 -12.82 -10.47
N HIS A 73 2.88 -12.85 -9.37
CA HIS A 73 2.24 -13.33 -8.11
C HIS A 73 1.15 -12.36 -7.71
N PRO A 74 -0.03 -12.82 -7.23
CA PRO A 74 -1.11 -11.97 -6.93
C PRO A 74 -0.86 -11.06 -5.71
N ASN A 75 0.09 -11.44 -4.83
CA ASN A 75 0.25 -10.67 -3.61
C ASN A 75 1.51 -9.75 -3.60
N VAL A 76 2.02 -9.42 -4.76
CA VAL A 76 3.04 -8.39 -4.89
C VAL A 76 2.51 -7.45 -5.96
N VAL A 77 2.92 -6.16 -5.83
CA VAL A 77 2.49 -5.17 -6.82
C VAL A 77 3.09 -5.44 -8.19
N ARG A 78 2.33 -5.16 -9.27
CA ARG A 78 2.80 -5.45 -10.64
C ARG A 78 3.87 -4.40 -11.02
N LEU A 79 4.89 -4.87 -11.71
CA LEU A 79 5.82 -3.93 -12.39
C LEU A 79 5.33 -3.80 -13.83
N PHE A 80 4.79 -2.63 -14.17
CA PHE A 80 4.20 -2.56 -15.50
C PHE A 80 5.23 -2.26 -16.57
N ASP A 81 6.33 -1.61 -16.28
CA ASP A 81 7.31 -1.18 -17.27
C ASP A 81 8.56 -0.61 -16.62
N VAL A 82 9.67 -0.70 -17.31
CA VAL A 82 10.94 -0.12 -16.90
C VAL A 82 11.35 0.78 -18.08
N CYS A 83 11.43 2.07 -17.87
CA CYS A 83 11.72 2.98 -18.97
C CYS A 83 13.11 3.56 -18.81
N THR A 84 13.97 3.51 -19.83
CA THR A 84 15.19 4.30 -19.62
C THR A 84 15.03 5.65 -20.33
N VAL A 85 15.18 6.66 -19.47
CA VAL A 85 14.77 8.01 -19.91
C VAL A 85 16.03 8.78 -20.27
N SER A 86 17.17 8.36 -19.73
CA SER A 86 18.40 9.10 -20.05
C SER A 86 19.63 8.25 -19.84
N ARG A 87 20.59 8.36 -20.73
CA ARG A 87 21.85 7.61 -20.63
C ARG A 87 23.00 8.54 -20.96
N THR A 88 23.88 8.80 -20.00
CA THR A 88 25.14 9.49 -20.26
C THR A 88 26.30 8.64 -19.72
N ASP A 89 27.53 9.13 -19.85
CA ASP A 89 28.68 8.32 -19.46
C ASP A 89 28.71 8.03 -17.97
N ARG A 90 28.25 8.95 -17.13
CA ARG A 90 28.13 8.75 -15.71
C ARG A 90 26.86 8.06 -15.22
N GLU A 91 25.68 8.27 -15.79
CA GLU A 91 24.52 7.57 -15.24
C GLU A 91 23.44 7.17 -16.24
N THR A 92 22.69 6.12 -15.87
CA THR A 92 21.42 5.85 -16.57
C THR A 92 20.31 6.31 -15.62
N LYS A 93 19.29 6.97 -16.15
CA LYS A 93 18.10 7.24 -15.36
C LYS A 93 17.01 6.29 -15.85
N LEU A 94 16.48 5.49 -14.94
CA LEU A 94 15.34 4.65 -15.24
C LEU A 94 14.10 5.21 -14.56
N THR A 95 12.94 5.00 -15.17
CA THR A 95 11.71 5.15 -14.40
C THR A 95 11.07 3.73 -14.32
N LEU A 96 10.86 3.27 -13.12
CA LEU A 96 10.09 2.04 -12.87
C LEU A 96 8.63 2.34 -12.65
N VAL A 97 7.74 1.70 -13.37
CA VAL A 97 6.30 2.00 -13.30
C VAL A 97 5.60 0.83 -12.59
N PHE A 98 5.12 1.10 -11.39
CA PHE A 98 4.49 0.03 -10.58
C PHE A 98 3.02 0.30 -10.51
N GLU A 99 2.24 -0.78 -10.33
CA GLU A 99 0.87 -0.70 -9.97
C GLU A 99 0.79 0.06 -8.62
N HIS A 100 -0.27 0.87 -8.54
CA HIS A 100 -0.43 1.68 -7.33
C HIS A 100 -1.82 1.33 -6.81
N VAL A 101 -1.93 1.09 -5.53
CA VAL A 101 -3.14 0.79 -4.88
C VAL A 101 -3.41 1.90 -3.86
N ASP A 102 -4.63 2.41 -3.92
CA ASP A 102 -4.94 3.62 -3.13
C ASP A 102 -5.34 3.30 -1.73
N GLN A 103 -4.73 2.37 -0.98
CA GLN A 103 -5.02 2.18 0.43
C GLN A 103 -3.84 1.38 1.02
N ASP A 104 -3.32 1.71 2.17
CA ASP A 104 -2.35 0.88 2.83
C ASP A 104 -2.99 0.26 4.06
N LEU A 105 -2.21 -0.67 4.69
CA LEU A 105 -2.83 -1.38 5.82
C LEU A 105 -2.99 -0.48 7.03
N THR A 106 -2.16 0.57 7.05
CA THR A 106 -2.35 1.56 8.15
C THR A 106 -3.76 2.14 8.03
N THR A 107 -4.15 2.58 6.83
CA THR A 107 -5.46 3.20 6.73
C THR A 107 -6.64 2.27 6.90
N TYR A 108 -6.53 1.08 6.28
CA TYR A 108 -7.56 0.05 6.57
C TYR A 108 -7.75 -0.16 8.05
N LEU A 109 -6.69 -0.41 8.84
CA LEU A 109 -6.84 -0.61 10.27
C LEU A 109 -7.44 0.59 11.00
N ASP A 110 -7.08 1.79 10.58
CA ASP A 110 -7.59 2.98 11.18
C ASP A 110 -9.07 3.23 10.90
N LYS A 111 -9.60 2.79 9.75
CA LYS A 111 -10.98 3.19 9.48
C LYS A 111 -11.98 2.12 9.87
N VAL A 112 -11.55 0.92 10.19
CA VAL A 112 -12.52 -0.17 10.40
C VAL A 112 -13.30 0.12 11.69
N PRO A 113 -14.59 -0.20 11.68
CA PRO A 113 -15.45 0.04 12.82
C PRO A 113 -15.17 -0.83 14.03
N GLU A 114 -15.50 -0.29 15.20
CA GLU A 114 -15.66 -1.13 16.40
C GLU A 114 -16.57 -2.28 16.09
N PRO A 115 -16.25 -3.47 16.59
CA PRO A 115 -15.11 -3.71 17.43
C PRO A 115 -13.81 -4.17 16.75
N GLY A 116 -13.63 -3.93 15.47
CA GLY A 116 -12.28 -4.16 14.89
C GLY A 116 -12.34 -5.03 13.65
N VAL A 117 -11.24 -5.65 13.23
CA VAL A 117 -11.27 -6.43 11.98
C VAL A 117 -11.90 -7.76 12.31
N PRO A 118 -12.87 -8.21 11.51
CA PRO A 118 -13.47 -9.52 11.69
C PRO A 118 -12.38 -10.58 11.72
N THR A 119 -12.56 -11.60 12.52
CA THR A 119 -11.62 -12.72 12.68
C THR A 119 -11.24 -13.36 11.39
N GLU A 120 -12.27 -13.64 10.55
CA GLU A 120 -11.98 -14.33 9.31
C GLU A 120 -11.15 -13.46 8.35
N THR A 121 -11.35 -12.16 8.41
CA THR A 121 -10.61 -11.31 7.48
C THR A 121 -9.15 -11.23 7.97
N ILE A 122 -8.95 -11.14 9.28
CA ILE A 122 -7.52 -11.18 9.73
C ILE A 122 -6.83 -12.41 9.21
N LYS A 123 -7.45 -13.60 9.39
CA LYS A 123 -6.91 -14.79 8.78
C LYS A 123 -6.64 -14.72 7.31
N ASP A 124 -7.59 -14.24 6.46
CA ASP A 124 -7.38 -14.20 5.03
C ASP A 124 -6.21 -13.23 4.68
N MET A 125 -6.23 -12.10 5.32
CA MET A 125 -5.10 -11.13 5.04
C MET A 125 -3.78 -11.65 5.51
N MET A 126 -3.62 -12.33 6.67
CA MET A 126 -2.33 -12.91 7.02
C MET A 126 -1.97 -14.02 6.05
N PHE A 127 -2.96 -14.77 5.54
CA PHE A 127 -2.60 -15.85 4.58
C PHE A 127 -2.03 -15.20 3.30
N GLN A 128 -2.58 -14.09 2.85
CA GLN A 128 -2.07 -13.48 1.59
C GLN A 128 -0.67 -12.84 1.80
N LEU A 129 -0.53 -12.29 2.99
CA LEU A 129 0.78 -11.64 3.31
C LEU A 129 1.88 -12.67 3.29
N LEU A 130 1.62 -13.80 3.99
CA LEU A 130 2.60 -14.88 3.97
C LEU A 130 2.78 -15.51 2.61
N ARG A 131 1.73 -15.55 1.80
CA ARG A 131 1.97 -16.11 0.44
C ARG A 131 2.90 -15.22 -0.39
N GLY A 132 2.61 -13.90 -0.29
CA GLY A 132 3.52 -12.95 -0.96
C GLY A 132 4.95 -13.06 -0.48
N LEU A 133 5.10 -13.15 0.84
CA LEU A 133 6.46 -13.24 1.39
C LEU A 133 7.14 -14.51 1.01
N ASP A 134 6.43 -15.66 1.07
CA ASP A 134 7.06 -16.92 0.62
C ASP A 134 7.48 -16.84 -0.84
N PHE A 135 6.71 -16.14 -1.67
CA PHE A 135 7.14 -15.99 -3.07
C PHE A 135 8.46 -15.26 -3.17
N LEU A 136 8.55 -14.09 -2.47
CA LEU A 136 9.84 -13.43 -2.45
C LEU A 136 10.99 -14.24 -1.85
N HIS A 137 10.80 -14.84 -0.66
CA HIS A 137 11.90 -15.61 -0.07
C HIS A 137 12.34 -16.79 -0.94
N SER A 138 11.42 -17.42 -1.63
CA SER A 138 11.74 -18.60 -2.49
C SER A 138 12.52 -18.17 -3.71
N HIS A 139 12.52 -16.91 -4.10
CA HIS A 139 13.42 -16.31 -5.07
C HIS A 139 14.53 -15.52 -4.42
N ARG A 140 14.85 -15.74 -3.17
CA ARG A 140 15.97 -15.20 -2.42
C ARG A 140 15.93 -13.70 -2.26
N VAL A 141 14.75 -13.09 -2.19
CA VAL A 141 14.60 -11.65 -2.00
C VAL A 141 14.10 -11.43 -0.58
N VAL A 142 14.86 -10.69 0.21
CA VAL A 142 14.35 -10.39 1.57
C VAL A 142 13.75 -8.99 1.44
N HIS A 143 12.63 -8.78 2.08
CA HIS A 143 11.99 -7.47 2.05
C HIS A 143 12.83 -6.50 2.90
N ARG A 144 12.96 -6.80 4.17
CA ARG A 144 13.76 -6.07 5.13
C ARG A 144 13.07 -4.85 5.74
N ASP A 145 11.98 -4.31 5.17
CA ASP A 145 11.40 -3.15 5.84
C ASP A 145 9.88 -3.27 5.78
N LEU A 146 9.39 -4.48 6.11
CA LEU A 146 7.94 -4.68 5.99
C LEU A 146 7.26 -3.87 7.07
N LYS A 147 6.25 -3.11 6.76
CA LYS A 147 5.49 -2.40 7.78
C LYS A 147 4.13 -2.07 7.19
N PRO A 148 3.13 -1.70 7.96
CA PRO A 148 1.80 -1.40 7.43
C PRO A 148 1.72 -0.42 6.31
N GLN A 149 2.69 0.58 6.27
CA GLN A 149 2.66 1.47 5.13
C GLN A 149 3.09 0.85 3.82
N ASN A 150 3.84 -0.27 3.73
CA ASN A 150 4.05 -0.76 2.36
C ASN A 150 3.36 -2.14 2.17
N ILE A 151 2.35 -2.32 2.97
CA ILE A 151 1.41 -3.44 2.67
C ILE A 151 0.18 -2.75 2.10
N LEU A 152 -0.12 -2.93 0.81
CA LEU A 152 -1.22 -2.26 0.20
C LEU A 152 -2.48 -3.17 0.21
N VAL A 153 -3.61 -2.55 0.30
CA VAL A 153 -4.85 -3.34 0.52
C VAL A 153 -5.87 -2.85 -0.50
N THR A 154 -6.27 -3.73 -1.47
CA THR A 154 -7.19 -3.24 -2.54
C THR A 154 -8.55 -3.07 -1.97
N SER A 155 -9.55 -2.47 -2.67
CA SER A 155 -10.85 -2.30 -2.08
C SER A 155 -11.57 -3.67 -1.92
N SER A 156 -11.06 -4.71 -2.61
CA SER A 156 -11.72 -6.02 -2.33
C SER A 156 -11.02 -6.85 -1.29
N GLY A 157 -9.99 -6.29 -0.67
CA GLY A 157 -9.31 -6.92 0.46
C GLY A 157 -8.16 -7.76 -0.02
N GLN A 158 -7.56 -7.57 -1.16
CA GLN A 158 -6.42 -8.31 -1.64
C GLN A 158 -5.12 -7.60 -1.12
N ILE A 159 -4.19 -8.38 -0.70
CA ILE A 159 -2.99 -7.78 -0.07
C ILE A 159 -1.93 -7.73 -1.15
N LYS A 160 -1.16 -6.61 -1.27
CA LYS A 160 -0.05 -6.60 -2.17
C LYS A 160 1.20 -5.98 -1.50
N LEU A 161 2.30 -6.69 -1.55
CA LEU A 161 3.52 -6.19 -0.99
C LEU A 161 4.15 -5.22 -2.00
N ALA A 162 4.74 -4.16 -1.41
CA ALA A 162 5.36 -3.09 -2.23
C ALA A 162 6.68 -2.63 -1.60
N ASP A 163 7.48 -1.90 -2.36
CA ASP A 163 8.67 -1.21 -1.82
C ASP A 163 9.77 -2.14 -1.39
N PHE A 164 10.10 -3.09 -2.28
CA PHE A 164 11.21 -4.00 -1.99
C PHE A 164 12.15 -4.08 -3.17
N GLY A 165 13.32 -4.67 -3.03
CA GLY A 165 14.19 -5.18 -4.05
C GLY A 165 15.40 -4.30 -4.44
N LEU A 166 15.51 -3.10 -3.89
CA LEU A 166 16.71 -2.29 -4.27
C LEU A 166 17.69 -2.27 -3.11
N ALA A 167 18.98 -2.40 -3.33
CA ALA A 167 19.98 -2.52 -2.24
C ALA A 167 19.99 -1.30 -1.35
N ARG A 168 20.33 -1.43 -0.10
CA ARG A 168 20.51 -0.30 0.84
C ARG A 168 21.80 0.43 0.55
N ILE A 169 21.69 1.70 0.17
CA ILE A 169 22.90 2.47 -0.16
C ILE A 169 22.86 3.77 0.65
N TYR A 170 24.05 4.39 0.77
CA TYR A 170 24.08 5.72 1.37
C TYR A 170 23.29 6.75 0.55
N SER A 171 22.56 7.64 1.18
CA SER A 171 22.03 8.83 0.52
C SER A 171 22.01 10.02 1.48
N PHE A 172 22.37 11.18 0.99
CA PHE A 172 22.60 12.37 1.82
C PHE A 172 21.52 12.59 2.85
N GLN A 173 21.64 12.21 4.12
CA GLN A 173 20.46 11.88 4.93
C GLN A 173 19.11 12.02 4.23
N MET A 174 18.81 11.14 3.27
CA MET A 174 17.58 11.13 2.51
C MET A 174 17.37 12.31 1.56
N ALA A 175 18.43 13.02 1.20
CA ALA A 175 18.44 14.27 0.47
C ALA A 175 18.27 15.45 1.42
N LEU A 176 18.31 15.18 2.71
CA LEU A 176 18.08 16.06 3.82
C LEU A 176 16.60 16.10 4.21
N THR A 177 15.73 15.41 3.51
CA THR A 177 14.30 15.46 3.80
C THR A 177 13.82 14.13 4.37
N SER A 178 12.77 14.12 5.19
CA SER A 178 12.16 12.89 5.67
C SER A 178 13.13 12.08 6.52
N VAL A 179 12.98 12.21 7.84
CA VAL A 179 14.08 11.94 8.76
C VAL A 179 13.77 11.01 9.92
N VAL A 180 12.52 10.64 10.13
CA VAL A 180 12.18 9.80 11.29
C VAL A 180 11.96 8.35 10.86
N VAL A 181 12.92 7.49 11.18
CA VAL A 181 12.88 6.09 10.80
C VAL A 181 12.21 5.22 11.86
N THR A 182 11.26 4.39 11.48
CA THR A 182 10.50 3.56 12.41
C THR A 182 11.19 2.22 12.68
N LEU A 183 11.45 1.88 13.92
CA LEU A 183 12.14 0.65 14.25
C LEU A 183 11.17 -0.39 14.81
N TRP A 184 9.88 -0.05 14.79
CA TRP A 184 8.88 -0.82 15.50
C TRP A 184 8.72 -2.25 14.96
N TYR A 185 9.10 -2.47 13.69
CA TYR A 185 8.88 -3.80 13.08
C TYR A 185 10.19 -4.51 12.83
N ARG A 186 11.32 -3.94 13.37
CA ARG A 186 12.60 -4.51 13.09
C ARG A 186 12.91 -5.72 13.96
N ALA A 187 13.66 -6.67 13.43
CA ALA A 187 13.90 -7.94 14.10
C ALA A 187 15.11 -7.73 15.09
N PRO A 188 15.19 -8.49 16.13
CA PRO A 188 16.21 -8.32 17.14
C PRO A 188 17.62 -8.48 16.54
N GLU A 189 17.81 -9.42 15.57
CA GLU A 189 19.17 -9.57 15.03
C GLU A 189 19.63 -8.32 14.27
N VAL A 190 18.75 -7.55 13.64
CA VAL A 190 19.03 -6.29 13.01
C VAL A 190 19.30 -5.17 14.03
N LEU A 191 18.52 -5.11 15.10
CA LEU A 191 18.79 -4.10 16.12
C LEU A 191 20.15 -4.37 16.79
N LEU A 192 20.62 -5.59 16.88
CA LEU A 192 21.87 -5.96 17.46
C LEU A 192 23.05 -5.78 16.46
N GLN A 193 22.71 -5.38 15.24
CA GLN A 193 23.64 -5.28 14.12
C GLN A 193 24.39 -6.60 13.92
N SER A 194 23.62 -7.67 13.90
CA SER A 194 24.14 -9.01 13.69
C SER A 194 23.94 -9.31 12.21
N SER A 195 24.29 -10.52 11.78
CA SER A 195 24.02 -10.86 10.37
C SER A 195 22.55 -11.20 10.23
N TYR A 196 21.90 -10.88 9.13
CA TYR A 196 20.49 -11.05 8.91
C TYR A 196 20.16 -11.86 7.66
N ALA A 197 19.02 -12.54 7.61
CA ALA A 197 18.56 -13.15 6.36
C ALA A 197 17.07 -13.06 6.24
N THR A 198 16.40 -14.03 5.58
CA THR A 198 14.96 -14.03 5.43
C THR A 198 14.21 -14.07 6.73
N PRO A 199 14.70 -14.56 7.84
CA PRO A 199 13.86 -14.65 9.06
C PRO A 199 13.50 -13.27 9.55
N VAL A 200 14.28 -12.23 9.11
CA VAL A 200 13.92 -10.87 9.57
C VAL A 200 12.53 -10.47 9.20
N ASP A 201 12.06 -10.97 8.03
CA ASP A 201 10.69 -10.57 7.63
C ASP A 201 9.62 -11.31 8.44
N LEU A 202 9.87 -12.54 8.91
CA LEU A 202 8.79 -13.18 9.72
C LEU A 202 8.62 -12.52 11.08
N TRP A 203 9.73 -11.92 11.60
CA TRP A 203 9.59 -11.12 12.86
C TRP A 203 8.60 -10.00 12.59
N SER A 204 8.80 -9.23 11.49
CA SER A 204 7.90 -8.17 11.13
C SER A 204 6.45 -8.66 10.91
N VAL A 205 6.33 -9.82 10.23
CA VAL A 205 4.92 -10.38 10.12
C VAL A 205 4.24 -10.60 11.43
N GLY A 206 4.98 -11.08 12.44
CA GLY A 206 4.51 -11.34 13.79
C GLY A 206 4.03 -10.07 14.43
N CYS A 207 4.85 -8.96 14.31
CA CYS A 207 4.42 -7.68 14.80
C CYS A 207 3.15 -7.18 14.09
N ILE A 208 3.03 -7.41 12.78
CA ILE A 208 1.86 -6.87 12.07
C ILE A 208 0.60 -7.70 12.41
N PHE A 209 0.82 -9.00 12.54
CA PHE A 209 -0.27 -9.92 13.00
C PHE A 209 -0.87 -9.47 14.31
N ALA A 210 0.02 -9.17 15.29
CA ALA A 210 -0.48 -8.64 16.55
C ALA A 210 -1.27 -7.36 16.34
N GLU A 211 -0.76 -6.47 15.47
CA GLU A 211 -1.38 -5.17 15.25
C GLU A 211 -2.75 -5.25 14.59
N MET A 212 -2.99 -6.28 13.81
CA MET A 212 -4.31 -6.50 13.20
C MET A 212 -5.34 -6.70 14.31
N PHE A 213 -4.99 -7.35 15.43
CA PHE A 213 -5.95 -7.47 16.53
C PHE A 213 -5.98 -6.24 17.43
N ARG A 214 -4.81 -5.68 17.72
CA ARG A 214 -4.69 -4.53 18.63
C ARG A 214 -5.11 -3.22 17.99
N ARG A 215 -4.95 -3.03 16.69
CA ARG A 215 -4.95 -1.72 16.03
C ARG A 215 -4.05 -0.65 16.67
N LYS A 216 -2.93 -1.15 17.16
CA LYS A 216 -1.88 -0.29 17.71
C LYS A 216 -0.61 -1.16 17.70
N PRO A 217 0.50 -0.59 17.28
CA PRO A 217 1.74 -1.35 17.20
C PRO A 217 2.09 -1.99 18.51
N LEU A 218 2.64 -3.21 18.44
CA LEU A 218 3.00 -3.97 19.61
C LEU A 218 4.24 -3.42 20.36
N PHE A 219 5.27 -3.05 19.59
CA PHE A 219 6.55 -2.72 20.26
C PHE A 219 6.92 -1.32 19.80
N ARG A 220 6.71 -0.30 20.62
CA ARG A 220 6.95 1.06 20.14
C ARG A 220 8.21 1.63 20.81
N GLY A 221 9.38 1.24 20.34
CA GLY A 221 10.62 1.82 20.92
C GLY A 221 11.00 3.07 20.16
N SER A 222 11.95 3.83 20.73
CA SER A 222 12.41 5.02 19.97
C SER A 222 13.87 4.97 19.62
N SER A 223 14.60 3.96 20.08
CA SER A 223 15.95 3.76 19.52
C SER A 223 16.23 2.27 19.51
N ASP A 224 17.33 1.86 18.90
CA ASP A 224 17.73 0.46 18.87
C ASP A 224 17.67 -0.21 20.22
N VAL A 225 18.19 0.45 21.28
CA VAL A 225 18.26 -0.16 22.58
C VAL A 225 16.92 -0.15 23.29
N ASP A 226 16.16 0.92 23.05
CA ASP A 226 14.83 1.00 23.68
C ASP A 226 13.89 -0.03 22.99
N GLN A 227 14.05 -0.14 21.69
CA GLN A 227 13.24 -1.11 20.91
C GLN A 227 13.49 -2.52 21.40
N LEU A 228 14.77 -2.92 21.58
CA LEU A 228 15.11 -4.19 22.16
C LEU A 228 14.48 -4.38 23.53
N GLY A 229 14.46 -3.33 24.36
CA GLY A 229 14.03 -3.55 25.74
C GLY A 229 12.52 -3.84 25.79
N LYS A 230 11.80 -3.08 24.98
CA LYS A 230 10.35 -3.30 24.79
C LYS A 230 10.09 -4.70 24.24
N ILE A 231 10.88 -5.17 23.27
CA ILE A 231 10.78 -6.58 22.87
C ILE A 231 10.94 -7.56 24.01
N LEU A 232 12.06 -7.53 24.74
CA LEU A 232 12.36 -8.52 25.76
C LEU A 232 11.46 -8.51 26.97
N ASP A 233 10.82 -7.42 27.28
CA ASP A 233 9.79 -7.28 28.31
C ASP A 233 8.61 -8.22 28.08
N VAL A 234 8.33 -8.48 26.79
CA VAL A 234 7.21 -9.34 26.43
C VAL A 234 7.64 -10.76 26.26
N ILE A 235 8.68 -11.05 25.46
CA ILE A 235 9.01 -12.43 25.15
C ILE A 235 10.02 -13.00 26.15
N GLY A 236 10.59 -12.18 27.00
CA GLY A 236 11.49 -12.77 28.03
C GLY A 236 12.93 -12.75 27.53
N LEU A 237 13.87 -12.81 28.50
CA LEU A 237 15.29 -12.81 28.16
C LEU A 237 15.64 -14.14 27.57
N PRO A 238 16.25 -14.15 26.37
CA PRO A 238 16.64 -15.38 25.75
C PRO A 238 17.71 -16.11 26.59
N GLY A 239 17.82 -17.42 26.52
CA GLY A 239 18.97 -18.13 27.07
C GLY A 239 20.27 -17.62 26.47
N GLU A 240 21.37 -17.74 27.23
CA GLU A 240 22.71 -17.47 26.72
C GLU A 240 22.96 -18.11 25.37
N GLU A 241 22.54 -19.35 25.11
CA GLU A 241 22.69 -19.96 23.80
C GLU A 241 21.84 -19.34 22.71
N ASP A 242 20.91 -18.43 22.98
CA ASP A 242 20.18 -17.82 21.89
C ASP A 242 20.70 -16.44 21.53
N TRP A 243 21.65 -15.95 22.33
CA TRP A 243 22.15 -14.57 22.15
C TRP A 243 23.35 -14.64 21.20
N PRO A 244 23.33 -13.87 20.12
CA PRO A 244 24.32 -14.09 19.07
C PRO A 244 25.74 -13.81 19.59
N ARG A 245 26.73 -14.49 19.05
CA ARG A 245 28.13 -14.27 19.37
C ARG A 245 28.64 -13.00 18.70
N ASP A 246 29.63 -12.36 19.31
CA ASP A 246 30.35 -11.26 18.67
C ASP A 246 29.49 -10.02 18.43
N VAL A 247 28.45 -9.73 19.22
CA VAL A 247 27.72 -8.45 19.01
C VAL A 247 28.15 -7.53 20.15
N ALA A 248 27.87 -6.25 19.98
CA ALA A 248 28.38 -5.26 20.95
C ALA A 248 27.53 -5.26 22.19
N LEU A 249 26.22 -5.46 22.05
CA LEU A 249 25.34 -5.48 23.20
C LEU A 249 25.27 -6.85 23.85
N PRO A 250 25.59 -6.87 25.13
CA PRO A 250 25.66 -8.12 25.89
C PRO A 250 24.29 -8.52 26.39
N ARG A 251 23.95 -9.80 26.48
CA ARG A 251 22.67 -10.18 27.10
C ARG A 251 22.46 -9.54 28.47
N GLN A 252 23.54 -9.50 29.26
CA GLN A 252 23.69 -8.81 30.51
C GLN A 252 23.15 -7.40 30.60
N ALA A 253 23.23 -6.62 29.52
CA ALA A 253 22.71 -5.25 29.59
C ALA A 253 21.22 -5.16 29.79
N PHE A 254 20.45 -6.23 29.61
CA PHE A 254 18.99 -6.11 29.72
C PHE A 254 18.53 -6.76 31.02
N HIS A 255 17.32 -6.40 31.42
CA HIS A 255 16.67 -7.05 32.55
C HIS A 255 16.76 -8.56 32.43
N SER A 256 16.83 -9.33 33.53
CA SER A 256 16.29 -10.68 33.45
C SER A 256 14.77 -10.59 33.58
N LYS A 257 14.04 -11.06 32.58
CA LYS A 257 12.57 -11.05 32.58
C LYS A 257 12.09 -12.35 31.97
N SER A 258 11.08 -12.97 32.55
CA SER A 258 10.41 -14.12 31.99
C SER A 258 9.47 -13.66 30.87
N ALA A 259 9.02 -14.56 30.00
CA ALA A 259 7.97 -14.22 29.06
C ALA A 259 6.66 -13.88 29.78
N GLN A 260 5.91 -12.93 29.23
CA GLN A 260 4.54 -12.65 29.65
C GLN A 260 3.58 -13.48 28.77
N PRO A 261 2.46 -13.84 29.36
CA PRO A 261 1.38 -14.45 28.60
C PRO A 261 1.00 -13.44 27.54
N ILE A 262 0.95 -13.84 26.29
CA ILE A 262 0.74 -12.91 25.17
C ILE A 262 -0.64 -12.29 25.17
N GLU A 263 -1.65 -12.98 25.74
CA GLU A 263 -2.99 -12.39 25.80
C GLU A 263 -3.12 -11.14 26.64
N LYS A 264 -2.14 -10.78 27.47
CA LYS A 264 -2.07 -9.46 28.05
C LYS A 264 -1.95 -8.37 27.00
N PHE A 265 -1.43 -8.66 25.80
CA PHE A 265 -1.14 -7.61 24.84
C PHE A 265 -2.03 -7.78 23.62
N VAL A 266 -2.44 -9.02 23.37
CA VAL A 266 -3.26 -9.28 22.19
C VAL A 266 -4.58 -9.97 22.60
N THR A 267 -5.66 -9.23 22.59
CA THR A 267 -6.96 -9.79 22.97
C THR A 267 -7.64 -10.30 21.72
N ASP A 268 -8.48 -11.31 21.86
CA ASP A 268 -9.37 -11.76 20.82
C ASP A 268 -8.71 -12.79 19.90
N ILE A 269 -7.40 -13.03 19.98
CA ILE A 269 -6.73 -14.01 19.15
C ILE A 269 -7.03 -15.42 19.70
N ASP A 270 -7.24 -16.40 18.91
CA ASP A 270 -7.64 -17.74 19.36
C ASP A 270 -6.36 -18.52 19.63
N GLU A 271 -6.51 -19.76 20.11
CA GLU A 271 -5.34 -20.47 20.58
C GLU A 271 -4.45 -20.88 19.41
N LEU A 272 -4.98 -21.15 18.25
CA LEU A 272 -4.15 -21.44 17.08
C LEU A 272 -3.34 -20.21 16.65
N GLY A 273 -4.00 -19.06 16.57
CA GLY A 273 -3.30 -17.79 16.32
C GLY A 273 -2.17 -17.47 17.28
N LYS A 274 -2.40 -17.59 18.59
CA LYS A 274 -1.36 -17.42 19.59
C LYS A 274 -0.13 -18.25 19.29
N ASP A 275 -0.29 -19.53 18.99
CA ASP A 275 0.84 -20.40 18.69
C ASP A 275 1.63 -19.85 17.47
N LEU A 276 0.91 -19.54 16.38
CA LEU A 276 1.64 -19.00 15.21
C LEU A 276 2.35 -17.68 15.54
N LEU A 277 1.68 -16.78 16.24
CA LEU A 277 2.21 -15.53 16.67
C LEU A 277 3.57 -15.67 17.40
N LEU A 278 3.60 -16.53 18.39
CA LEU A 278 4.81 -16.80 19.16
C LEU A 278 5.90 -17.43 18.33
N LYS A 279 5.57 -18.27 17.35
CA LYS A 279 6.52 -18.81 16.41
C LYS A 279 7.10 -17.73 15.47
N CYS A 280 6.32 -16.71 15.09
CA CYS A 280 7.01 -15.60 14.39
C CYS A 280 7.84 -14.76 15.38
N LEU A 281 7.37 -14.50 16.57
CA LEU A 281 8.14 -13.67 17.53
C LEU A 281 9.10 -14.47 18.38
N THR A 282 9.89 -15.29 17.75
CA THR A 282 10.95 -16.08 18.37
C THR A 282 12.28 -15.32 18.18
N PHE A 283 12.95 -15.07 19.28
CA PHE A 283 14.19 -14.30 19.26
C PHE A 283 15.24 -14.84 18.34
N ASN A 284 15.63 -16.12 18.44
CA ASN A 284 16.72 -16.65 17.62
C ASN A 284 16.18 -16.91 16.22
N PRO A 285 16.84 -16.32 15.22
CA PRO A 285 16.35 -16.37 13.85
C PRO A 285 16.34 -17.79 13.30
N ALA A 286 17.27 -18.63 13.78
CA ALA A 286 17.34 -20.00 13.34
C ALA A 286 16.16 -20.83 13.85
N LYS A 287 15.48 -20.44 14.90
CA LYS A 287 14.34 -21.17 15.42
C LYS A 287 13.00 -20.61 14.95
N ARG A 288 13.02 -19.44 14.32
CA ARG A 288 11.78 -18.75 13.95
C ARG A 288 11.12 -19.53 12.83
N ILE A 289 9.75 -19.54 12.75
CA ILE A 289 9.24 -20.30 11.59
C ILE A 289 9.55 -19.60 10.29
N SER A 290 9.47 -20.35 9.19
CA SER A 290 9.56 -19.83 7.84
C SER A 290 8.17 -19.46 7.34
N ALA A 291 8.15 -18.67 6.25
CA ALA A 291 6.89 -18.29 5.68
C ALA A 291 6.18 -19.57 5.12
N TYR A 292 6.98 -20.40 4.49
CA TYR A 292 6.27 -21.61 3.89
C TYR A 292 5.69 -22.50 4.97
N SER A 293 6.38 -22.71 6.10
CA SER A 293 5.82 -23.47 7.21
C SER A 293 4.67 -22.75 7.88
N ALA A 294 4.68 -21.40 7.92
CA ALA A 294 3.58 -20.71 8.51
C ALA A 294 2.29 -20.96 7.72
N LEU A 295 2.36 -21.10 6.39
CA LEU A 295 1.19 -21.28 5.58
C LEU A 295 0.52 -22.64 5.89
N SER A 296 1.30 -23.60 6.33
CA SER A 296 0.81 -24.88 6.82
C SER A 296 0.25 -24.95 8.20
N HIS A 297 0.34 -23.90 8.98
CA HIS A 297 -0.05 -23.95 10.39
C HIS A 297 -1.57 -24.16 10.46
N PRO A 298 -2.06 -24.76 11.54
CA PRO A 298 -3.48 -25.06 11.70
C PRO A 298 -4.37 -23.83 11.76
N TYR A 299 -3.79 -22.70 12.22
CA TYR A 299 -4.48 -21.41 12.14
C TYR A 299 -5.16 -21.16 10.82
N PHE A 300 -4.63 -21.56 9.69
CA PHE A 300 -5.18 -21.26 8.40
C PHE A 300 -6.19 -22.35 7.96
N GLN A 301 -6.40 -23.35 8.80
CA GLN A 301 -7.29 -24.45 8.45
C GLN A 301 -8.62 -24.05 7.84
N ASP A 302 -9.43 -23.17 8.41
CA ASP A 302 -10.79 -23.01 7.86
C ASP A 302 -10.90 -21.90 6.84
N LEU A 303 -9.91 -21.75 5.95
CA LEU A 303 -9.85 -20.54 5.13
C LEU A 303 -11.06 -20.56 4.20
N GLU A 304 -12.06 -19.75 4.55
CA GLU A 304 -13.41 -19.90 4.00
C GLU A 304 -13.54 -19.08 2.72
N ARG A 305 -13.08 -19.63 1.60
CA ARG A 305 -12.81 -18.77 0.44
C ARG A 305 -14.01 -18.64 -0.49
N CYS A 306 -14.87 -17.68 -0.19
CA CYS A 306 -15.97 -17.26 -1.03
C CYS A 306 -17.06 -18.31 -1.18
N LYS A 307 -18.06 -18.23 -0.32
CA LYS A 307 -19.20 -19.15 -0.36
C LYS A 307 -20.29 -18.59 -1.28
N GLU A 308 -21.54 -18.75 -0.91
CA GLU A 308 -22.67 -18.22 -1.68
C GLU A 308 -23.38 -17.11 -0.90
N ASN A 309 -23.92 -16.14 -1.61
CA ASN A 309 -24.62 -14.99 -1.06
C ASN A 309 -23.73 -13.77 -0.92
N VAL B 6 4.22 25.50 -6.34
CA VAL B 6 4.04 26.31 -5.10
C VAL B 6 3.90 25.35 -3.91
N CYS B 7 4.42 25.80 -2.75
CA CYS B 7 4.87 24.78 -1.79
C CYS B 7 3.77 24.34 -0.83
N VAL B 8 2.80 25.15 -0.44
CA VAL B 8 1.79 24.57 0.45
C VAL B 8 0.95 23.56 -0.35
N GLY B 9 0.71 23.83 -1.63
CA GLY B 9 -0.14 22.86 -2.39
C GLY B 9 0.67 21.57 -2.52
N ASP B 10 2.00 21.63 -2.68
CA ASP B 10 2.78 20.41 -2.67
C ASP B 10 2.68 19.64 -1.37
N ARG B 11 2.79 20.38 -0.23
CA ARG B 11 2.72 19.70 1.05
C ARG B 11 1.36 19.05 1.34
N LEU B 12 0.32 19.78 1.06
CA LEU B 12 -1.03 19.36 1.38
C LEU B 12 -1.38 18.13 0.46
N SER B 13 -1.00 18.27 -0.77
CA SER B 13 -1.39 17.13 -1.72
C SER B 13 -0.52 15.93 -1.49
N GLY B 14 0.75 16.14 -1.07
CA GLY B 14 1.62 15.03 -0.69
C GLY B 14 1.07 14.26 0.48
N ALA B 15 0.59 14.97 1.51
CA ALA B 15 0.04 14.39 2.70
C ALA B 15 -1.25 13.58 2.31
N ALA B 16 -2.03 14.27 1.48
CA ALA B 16 -3.32 13.55 1.09
C ALA B 16 -3.02 12.26 0.31
N ALA B 17 -2.06 12.31 -0.58
CA ALA B 17 -1.74 11.12 -1.41
C ALA B 17 -1.05 10.03 -0.60
N ARG B 18 -0.37 10.36 0.52
CA ARG B 18 0.13 9.40 1.48
C ARG B 18 -0.89 8.93 2.48
N GLY B 19 -2.09 9.47 2.51
CA GLY B 19 -3.08 9.16 3.54
C GLY B 19 -2.69 9.64 4.94
N ASP B 20 -1.80 10.66 4.99
CA ASP B 20 -1.42 11.21 6.33
C ASP B 20 -2.46 12.15 6.81
N VAL B 21 -3.46 11.62 7.53
CA VAL B 21 -4.64 12.43 7.85
C VAL B 21 -4.24 13.47 8.94
N GLN B 22 -3.30 13.07 9.80
CA GLN B 22 -2.82 14.03 10.82
C GLN B 22 -2.14 15.20 10.15
N GLU B 23 -1.34 15.06 9.09
CA GLU B 23 -0.73 16.24 8.44
C GLU B 23 -1.73 17.04 7.64
N VAL B 24 -2.69 16.37 6.97
CA VAL B 24 -3.81 17.07 6.35
C VAL B 24 -4.55 17.91 7.39
N ARG B 25 -4.94 17.33 8.51
CA ARG B 25 -5.61 18.11 9.55
C ARG B 25 -4.75 19.26 10.10
N ARG B 26 -3.46 18.98 10.28
CA ARG B 26 -2.61 20.08 10.76
C ARG B 26 -2.61 21.24 9.80
N LEU B 27 -2.32 20.96 8.50
CA LEU B 27 -2.32 22.00 7.51
C LEU B 27 -3.64 22.72 7.38
N LEU B 28 -4.76 22.00 7.41
CA LEU B 28 -6.04 22.62 7.22
C LEU B 28 -6.51 23.35 8.52
N HIS B 29 -6.40 22.78 9.69
CA HIS B 29 -7.04 23.45 10.84
C HIS B 29 -5.99 24.26 11.63
N ARG B 30 -4.76 23.77 11.70
CA ARG B 30 -3.78 24.52 12.55
C ARG B 30 -3.16 25.65 11.75
N GLU B 31 -2.97 25.47 10.45
CA GLU B 31 -2.32 26.47 9.62
C GLU B 31 -3.37 27.08 8.68
N LEU B 32 -4.59 26.62 8.76
CA LEU B 32 -5.70 27.22 8.01
C LEU B 32 -5.42 27.35 6.51
N VAL B 33 -4.87 26.36 5.81
CA VAL B 33 -4.40 26.45 4.42
C VAL B 33 -5.63 26.28 3.49
N HIS B 34 -5.65 26.85 2.30
CA HIS B 34 -6.86 26.79 1.48
C HIS B 34 -6.90 25.33 0.89
N PRO B 35 -7.99 24.67 1.02
CA PRO B 35 -8.02 23.24 0.57
C PRO B 35 -7.92 23.11 -0.95
N ASP B 36 -8.16 24.14 -1.78
CA ASP B 36 -8.00 24.10 -3.21
C ASP B 36 -6.67 24.66 -3.71
N ALA B 37 -5.67 24.79 -2.81
CA ALA B 37 -4.35 25.22 -3.28
C ALA B 37 -3.78 24.24 -4.32
N LEU B 38 -3.16 24.82 -5.33
CA LEU B 38 -2.65 24.02 -6.46
C LEU B 38 -1.28 23.48 -6.11
N ASN B 39 -0.98 22.20 -6.42
CA ASN B 39 0.39 21.77 -6.35
C ASN B 39 1.15 22.09 -7.61
N ARG B 40 2.43 21.74 -7.69
CA ARG B 40 3.27 22.09 -8.82
C ARG B 40 2.87 21.34 -10.11
N PHE B 41 2.07 20.27 -9.98
CA PHE B 41 1.54 19.65 -11.20
C PHE B 41 0.23 20.20 -11.62
N GLY B 42 -0.29 21.28 -10.99
CA GLY B 42 -1.61 21.80 -11.24
C GLY B 42 -2.83 21.15 -10.62
N LYS B 43 -2.72 20.32 -9.56
CA LYS B 43 -3.82 19.58 -9.05
C LYS B 43 -4.07 20.01 -7.61
N THR B 44 -5.31 19.82 -7.18
CA THR B 44 -5.58 19.99 -5.77
C THR B 44 -5.34 18.64 -5.04
N ALA B 45 -5.39 18.73 -3.73
CA ALA B 45 -5.24 17.55 -2.88
C ALA B 45 -6.39 16.53 -3.06
N LEU B 46 -7.60 17.00 -3.27
CA LEU B 46 -8.74 16.06 -3.46
C LEU B 46 -8.57 15.29 -4.79
N GLN B 47 -7.96 15.81 -5.82
CA GLN B 47 -7.70 15.05 -7.04
C GLN B 47 -6.74 13.91 -6.88
N VAL B 48 -5.76 14.02 -5.95
CA VAL B 48 -4.64 13.12 -5.93
C VAL B 48 -4.59 12.28 -4.66
N MET B 49 -5.51 12.45 -3.76
CA MET B 49 -5.60 11.88 -2.46
C MET B 49 -5.66 10.31 -2.49
N MET B 50 -5.14 9.74 -1.41
CA MET B 50 -5.32 8.29 -1.21
C MET B 50 -6.84 8.01 -1.15
N PHE B 51 -7.36 7.42 -2.30
CA PHE B 51 -8.85 7.31 -2.43
C PHE B 51 -9.49 6.29 -1.54
N GLY B 52 -8.65 5.44 -0.89
CA GLY B 52 -9.24 4.56 0.14
C GLY B 52 -9.19 5.05 1.57
N SER B 53 -8.92 6.38 1.71
CA SER B 53 -9.01 7.03 3.02
C SER B 53 -10.08 8.06 3.07
N PRO B 54 -11.35 7.70 3.34
CA PRO B 54 -12.44 8.62 3.47
C PRO B 54 -12.17 9.77 4.50
N ALA B 55 -11.32 9.51 5.50
CA ALA B 55 -11.02 10.56 6.48
C ALA B 55 -10.30 11.72 5.79
N VAL B 56 -9.36 11.46 4.88
CA VAL B 56 -8.78 12.53 4.07
C VAL B 56 -9.80 13.30 3.26
N ALA B 57 -10.62 12.59 2.45
CA ALA B 57 -11.66 13.29 1.68
C ALA B 57 -12.51 14.17 2.56
N LEU B 58 -12.98 13.61 3.68
CA LEU B 58 -13.86 14.35 4.59
C LEU B 58 -13.23 15.66 5.14
N GLU B 59 -11.96 15.65 5.50
CA GLU B 59 -11.34 16.84 6.11
C GLU B 59 -11.31 17.92 5.08
N LEU B 60 -10.89 17.46 3.86
CA LEU B 60 -10.74 18.38 2.74
C LEU B 60 -12.10 18.98 2.36
N LEU B 61 -13.13 18.19 2.20
CA LEU B 61 -14.48 18.69 1.84
C LEU B 61 -15.12 19.51 2.96
N LYS B 62 -14.99 19.16 4.21
CA LYS B 62 -15.50 20.02 5.29
C LYS B 62 -14.85 21.39 5.32
N GLN B 63 -13.63 21.52 4.82
CA GLN B 63 -12.95 22.81 4.82
C GLN B 63 -13.20 23.63 3.58
N GLY B 64 -13.95 23.13 2.60
CA GLY B 64 -14.32 23.84 1.40
C GLY B 64 -13.82 23.35 0.06
N ALA B 65 -13.15 22.18 0.01
CA ALA B 65 -12.53 21.80 -1.29
C ALA B 65 -13.64 21.71 -2.35
N SER B 66 -13.31 21.96 -3.58
CA SER B 66 -14.33 21.86 -4.65
C SER B 66 -14.38 20.37 -5.07
N PRO B 67 -15.51 19.75 -4.88
CA PRO B 67 -15.71 18.34 -5.19
C PRO B 67 -15.79 18.07 -6.69
N ASN B 68 -16.17 19.07 -7.51
CA ASN B 68 -16.29 18.85 -8.94
C ASN B 68 -15.09 19.24 -9.78
N VAL B 69 -13.87 19.36 -9.29
CA VAL B 69 -12.67 19.53 -10.07
C VAL B 69 -12.50 18.44 -11.10
N GLN B 70 -11.96 18.81 -12.25
CA GLN B 70 -11.58 17.81 -13.25
C GLN B 70 -10.18 18.13 -13.74
N ASP B 71 -9.47 17.13 -14.25
CA ASP B 71 -8.21 17.49 -14.91
C ASP B 71 -8.50 17.80 -16.38
N ALA B 72 -7.47 17.78 -17.20
CA ALA B 72 -7.54 18.01 -18.64
C ALA B 72 -8.71 17.27 -19.27
N SER B 73 -8.53 15.96 -19.38
CA SER B 73 -9.43 14.93 -19.81
C SER B 73 -10.82 14.79 -19.21
N GLY B 74 -11.13 15.40 -18.09
CA GLY B 74 -12.46 15.33 -17.53
C GLY B 74 -12.51 14.31 -16.38
N THR B 75 -11.36 13.75 -16.00
CA THR B 75 -11.40 12.86 -14.83
C THR B 75 -11.51 13.67 -13.55
N SER B 76 -12.53 13.34 -12.80
CA SER B 76 -12.82 13.92 -11.49
C SER B 76 -12.61 12.89 -10.39
N PRO B 77 -12.57 13.34 -9.14
CA PRO B 77 -12.51 12.48 -7.98
C PRO B 77 -13.56 11.38 -7.98
N VAL B 78 -14.80 11.67 -8.37
CA VAL B 78 -15.78 10.55 -8.37
C VAL B 78 -15.42 9.49 -9.41
N HIS B 79 -14.79 9.75 -10.52
CA HIS B 79 -14.28 8.70 -11.38
C HIS B 79 -13.26 7.82 -10.67
N ASP B 80 -12.22 8.48 -10.10
CA ASP B 80 -11.23 7.69 -9.35
C ASP B 80 -11.79 6.93 -8.19
N ALA B 81 -12.75 7.44 -7.43
CA ALA B 81 -13.23 6.62 -6.31
C ALA B 81 -13.91 5.36 -6.93
N ALA B 82 -14.71 5.61 -7.99
CA ALA B 82 -15.41 4.45 -8.60
C ALA B 82 -14.47 3.45 -9.24
N ARG B 83 -13.48 3.79 -10.00
CA ARG B 83 -12.47 2.91 -10.55
C ARG B 83 -11.73 2.13 -9.47
N THR B 84 -11.35 2.85 -8.39
CA THR B 84 -10.50 2.11 -7.38
C THR B 84 -11.44 1.28 -6.52
N GLY B 85 -12.74 1.54 -6.47
CA GLY B 85 -13.73 0.73 -5.81
C GLY B 85 -14.01 1.08 -4.35
N PHE B 86 -13.54 2.25 -3.88
CA PHE B 86 -13.72 2.63 -2.48
C PHE B 86 -15.04 3.37 -2.34
N LEU B 87 -16.07 2.59 -1.89
CA LEU B 87 -17.44 3.08 -1.87
C LEU B 87 -17.57 4.07 -0.71
N ASP B 88 -16.75 3.81 0.35
CA ASP B 88 -16.83 4.70 1.52
C ASP B 88 -16.41 6.10 1.12
N THR B 89 -15.30 6.22 0.35
CA THR B 89 -14.92 7.59 -0.10
C THR B 89 -15.89 8.14 -1.14
N LEU B 90 -16.28 7.32 -2.13
CA LEU B 90 -17.37 7.80 -3.04
C LEU B 90 -18.60 8.35 -2.33
N LYS B 91 -19.17 7.72 -1.32
CA LYS B 91 -20.29 8.28 -0.56
C LYS B 91 -20.01 9.66 0.07
N VAL B 92 -18.81 9.84 0.61
CA VAL B 92 -18.43 11.16 1.16
C VAL B 92 -18.47 12.17 0.05
N LEU B 93 -17.91 11.86 -1.13
CA LEU B 93 -17.87 12.79 -2.23
C LEU B 93 -19.29 13.15 -2.65
N VAL B 94 -20.13 12.11 -2.79
CA VAL B 94 -21.48 12.49 -3.30
C VAL B 94 -22.30 13.17 -2.20
N GLU B 95 -22.10 12.91 -0.93
CA GLU B 95 -22.75 13.69 0.14
C GLU B 95 -22.35 15.14 0.10
N HIS B 96 -21.12 15.47 -0.35
CA HIS B 96 -20.71 16.84 -0.47
C HIS B 96 -20.90 17.48 -1.83
N GLY B 97 -21.73 16.89 -2.69
CA GLY B 97 -22.08 17.51 -3.94
C GLY B 97 -21.35 17.06 -5.18
N ALA B 98 -20.66 15.90 -5.15
CA ALA B 98 -19.99 15.51 -6.40
C ALA B 98 -21.05 14.96 -7.36
N ASP B 99 -20.84 15.28 -8.61
CA ASP B 99 -21.72 14.88 -9.70
C ASP B 99 -21.46 13.44 -10.15
N VAL B 100 -22.39 12.54 -9.95
CA VAL B 100 -22.10 11.16 -10.39
C VAL B 100 -22.29 10.99 -11.89
N ASN B 101 -22.75 12.01 -12.63
CA ASN B 101 -22.88 11.85 -14.08
C ASN B 101 -21.83 12.61 -14.84
N ALA B 102 -20.71 12.94 -14.20
CA ALA B 102 -19.58 13.56 -14.90
C ALA B 102 -19.00 12.59 -15.91
N LEU B 103 -18.52 13.12 -17.03
CA LEU B 103 -17.93 12.33 -18.08
C LEU B 103 -16.44 12.57 -18.17
N ASP B 104 -15.64 11.49 -18.22
CA ASP B 104 -14.22 11.66 -18.52
C ASP B 104 -14.04 11.79 -20.03
N SER B 105 -12.82 11.66 -20.53
CA SER B 105 -12.58 11.98 -21.94
C SER B 105 -12.96 10.79 -22.81
N THR B 106 -12.97 9.56 -22.27
CA THR B 106 -13.56 8.45 -23.03
C THR B 106 -15.08 8.46 -23.02
N GLY B 107 -15.72 9.48 -22.45
CA GLY B 107 -17.14 9.63 -22.34
C GLY B 107 -17.73 8.65 -21.33
N SER B 108 -16.90 8.17 -20.39
CA SER B 108 -17.38 7.23 -19.39
C SER B 108 -17.91 7.96 -18.15
N LEU B 109 -18.97 7.43 -17.61
CA LEU B 109 -19.50 7.75 -16.29
C LEU B 109 -18.66 7.05 -15.23
N PRO B 110 -18.73 7.49 -13.99
CA PRO B 110 -18.10 6.69 -12.90
C PRO B 110 -18.63 5.25 -12.95
N ILE B 111 -19.93 5.01 -13.23
CA ILE B 111 -20.39 3.59 -13.20
C ILE B 111 -19.78 2.75 -14.32
N HIS B 112 -19.39 3.26 -15.48
CA HIS B 112 -18.69 2.51 -16.49
C HIS B 112 -17.34 1.98 -15.98
N LEU B 113 -16.68 2.89 -15.20
CA LEU B 113 -15.34 2.51 -14.68
C LEU B 113 -15.51 1.44 -13.64
N ALA B 114 -16.56 1.52 -12.80
CA ALA B 114 -16.74 0.58 -11.74
C ALA B 114 -17.08 -0.82 -12.34
N ILE B 115 -17.80 -0.76 -13.46
CA ILE B 115 -18.17 -2.04 -14.12
C ILE B 115 -16.96 -2.72 -14.69
N ARG B 116 -16.12 -1.95 -15.40
CA ARG B 116 -14.87 -2.44 -15.96
C ARG B 116 -13.98 -3.09 -14.93
N GLU B 117 -13.95 -2.55 -13.70
CA GLU B 117 -13.14 -3.18 -12.67
C GLU B 117 -13.86 -4.19 -11.83
N GLY B 118 -15.21 -4.29 -11.95
CA GLY B 118 -15.79 -5.47 -11.27
C GLY B 118 -16.35 -5.13 -9.93
N HIS B 119 -16.49 -3.81 -9.62
CA HIS B 119 -16.77 -3.43 -8.24
C HIS B 119 -18.26 -3.37 -7.97
N SER B 120 -18.80 -4.45 -7.41
CA SER B 120 -20.28 -4.56 -7.63
C SER B 120 -21.00 -3.74 -6.58
N SER B 121 -20.40 -3.46 -5.38
CA SER B 121 -21.13 -2.61 -4.44
C SER B 121 -21.17 -1.18 -4.93
N VAL B 122 -20.12 -0.75 -5.64
CA VAL B 122 -20.14 0.59 -6.24
C VAL B 122 -21.21 0.62 -7.36
N VAL B 123 -21.22 -0.40 -8.20
CA VAL B 123 -22.28 -0.35 -9.25
C VAL B 123 -23.68 -0.35 -8.67
N SER B 124 -24.02 -1.01 -7.56
CA SER B 124 -25.36 -0.90 -7.01
C SER B 124 -25.66 0.49 -6.46
N PHE B 125 -24.65 1.09 -5.81
CA PHE B 125 -24.86 2.43 -5.28
C PHE B 125 -25.12 3.43 -6.40
N LEU B 126 -24.41 3.36 -7.50
CA LEU B 126 -24.46 4.35 -8.56
C LEU B 126 -25.65 4.11 -9.52
N ALA B 127 -26.13 2.89 -9.60
CA ALA B 127 -27.15 2.57 -10.63
C ALA B 127 -28.39 3.43 -10.63
N PRO B 128 -28.99 3.69 -9.50
CA PRO B 128 -30.23 4.46 -9.48
C PRO B 128 -30.02 5.92 -9.72
N GLU B 129 -28.81 6.49 -9.74
CA GLU B 129 -28.68 7.93 -9.96
C GLU B 129 -27.98 8.23 -11.28
N SER B 130 -27.48 7.17 -11.90
CA SER B 130 -26.69 7.33 -13.10
C SER B 130 -27.57 7.28 -14.35
N ASP B 131 -27.03 7.91 -15.38
CA ASP B 131 -27.74 7.83 -16.68
C ASP B 131 -27.40 6.53 -17.36
N LEU B 132 -28.24 5.52 -17.19
CA LEU B 132 -27.97 4.18 -17.68
C LEU B 132 -28.18 3.99 -19.19
N HIS B 133 -28.61 5.03 -19.89
CA HIS B 133 -28.65 5.05 -21.35
C HIS B 133 -27.44 5.62 -22.04
N HIS B 134 -26.55 6.17 -21.17
CA HIS B 134 -25.38 6.86 -21.73
C HIS B 134 -24.37 5.91 -22.33
N ARG B 135 -23.93 6.18 -23.56
CA ARG B 135 -22.91 5.39 -24.24
C ARG B 135 -21.51 5.95 -24.16
N ASP B 136 -20.50 5.19 -23.74
CA ASP B 136 -19.12 5.69 -23.76
C ASP B 136 -18.60 5.81 -25.20
N ALA B 137 -17.33 6.13 -25.40
CA ALA B 137 -16.76 6.34 -26.73
C ALA B 137 -16.58 5.05 -27.54
N SER B 138 -16.75 3.87 -26.93
CA SER B 138 -16.82 2.63 -27.67
C SER B 138 -18.27 2.25 -27.96
N GLY B 139 -19.22 3.15 -27.64
CA GLY B 139 -20.62 2.91 -28.00
C GLY B 139 -21.36 2.02 -27.04
N LEU B 140 -20.92 1.93 -25.77
CA LEU B 140 -21.46 0.94 -24.85
C LEU B 140 -22.19 1.64 -23.73
N THR B 141 -23.42 1.22 -23.43
CA THR B 141 -24.09 1.71 -22.22
C THR B 141 -23.45 0.90 -21.10
N PRO B 142 -23.68 1.26 -19.85
CA PRO B 142 -23.32 0.43 -18.71
C PRO B 142 -23.74 -1.02 -18.86
N LEU B 143 -24.99 -1.36 -19.17
CA LEU B 143 -25.38 -2.78 -19.31
C LEU B 143 -24.62 -3.51 -20.41
N GLU B 144 -24.43 -2.90 -21.57
CA GLU B 144 -23.71 -3.52 -22.66
C GLU B 144 -22.25 -3.84 -22.32
N LEU B 145 -21.68 -2.83 -21.59
CA LEU B 145 -20.31 -3.11 -21.10
C LEU B 145 -20.29 -4.28 -20.18
N ALA B 146 -21.19 -4.36 -19.21
CA ALA B 146 -21.18 -5.48 -18.26
C ALA B 146 -21.30 -6.84 -18.97
N ARG B 147 -22.09 -6.84 -20.03
CA ARG B 147 -22.41 -8.09 -20.74
C ARG B 147 -21.18 -8.48 -21.53
N GLN B 148 -20.52 -7.51 -22.16
CA GLN B 148 -19.28 -7.75 -22.84
C GLN B 148 -18.18 -8.32 -21.96
N ARG B 149 -18.17 -8.08 -20.66
CA ARG B 149 -17.21 -8.63 -19.70
C ARG B 149 -17.68 -9.95 -19.14
N GLY B 150 -18.94 -10.31 -19.37
CA GLY B 150 -19.43 -11.60 -18.88
C GLY B 150 -19.81 -11.48 -17.44
N ALA B 151 -20.03 -10.23 -17.00
CA ALA B 151 -20.37 -9.93 -15.62
C ALA B 151 -21.85 -10.09 -15.37
N GLN B 152 -22.34 -11.32 -15.18
CA GLN B 152 -23.77 -11.58 -14.98
C GLN B 152 -24.36 -10.94 -13.74
N ASN B 153 -23.61 -10.94 -12.63
CA ASN B 153 -24.06 -10.24 -11.43
C ASN B 153 -24.26 -8.74 -11.68
N LEU B 154 -23.32 -8.10 -12.37
CA LEU B 154 -23.52 -6.70 -12.73
C LEU B 154 -24.71 -6.48 -13.66
N MET B 155 -24.88 -7.27 -14.71
CA MET B 155 -26.08 -7.20 -15.57
C MET B 155 -27.39 -7.18 -14.80
N ASP B 156 -27.57 -8.12 -13.88
CA ASP B 156 -28.79 -8.23 -13.11
C ASP B 156 -29.06 -6.96 -12.29
N ILE B 157 -28.00 -6.37 -11.71
CA ILE B 157 -28.14 -5.13 -10.99
C ILE B 157 -28.62 -4.03 -11.90
N LEU B 158 -28.00 -3.82 -13.06
CA LEU B 158 -28.30 -2.76 -13.98
C LEU B 158 -29.71 -2.86 -14.58
N GLN B 159 -30.08 -4.06 -15.00
CA GLN B 159 -31.34 -4.33 -15.70
C GLN B 159 -32.55 -4.13 -14.82
N GLY B 160 -32.46 -4.52 -13.55
CA GLY B 160 -33.44 -4.13 -12.54
C GLY B 160 -33.67 -2.63 -12.49
N HIS B 161 -32.72 -1.72 -12.79
CA HIS B 161 -33.01 -0.31 -12.79
C HIS B 161 -33.49 0.23 -14.12
N MET B 162 -33.60 -0.64 -15.11
CA MET B 162 -33.91 -0.18 -16.47
C MET B 162 -35.27 -0.73 -16.96
N MET B 163 -35.87 -1.56 -16.13
CA MET B 163 -37.02 -2.33 -16.63
C MET B 163 -38.20 -1.79 -15.84
N ILE B 164 -38.43 -0.49 -16.03
CA ILE B 164 -39.31 0.25 -15.14
C ILE B 164 -40.73 -0.32 -15.11
N PRO B 165 -41.27 -0.35 -16.41
CA PRO B 165 -42.58 -1.01 -16.53
C PRO B 165 -43.35 -1.41 -15.31
#